data_3TID
#
_entry.id   3TID
#
_cell.length_a   172.261
_cell.length_b   47.649
_cell.length_c   70.539
_cell.angle_alpha   90.00
_cell.angle_beta   106.39
_cell.angle_gamma   90.00
#
_symmetry.space_group_name_H-M   'C 1 2 1'
#
loop_
_entity.id
_entity.type
_entity.pdbx_description
1 polymer 'H-2 class I histocompatibility antigen, K-B alpha chain'
2 polymer Beta-2-microglobulin
3 polymer 'LCMV derived octamer peptide'
4 non-polymer 'ACETATE ION'
5 water water
#
loop_
_entity_poly.entity_id
_entity_poly.type
_entity_poly.pdbx_seq_one_letter_code
_entity_poly.pdbx_strand_id
1 'polypeptide(L)'
;IQEEFKMGPHSLRYFVTAVSRPGLGEPRYMEVGYVDDTEFVRFDSDAENPRYEPRARWMEQEGPEYWERETQKAKGNEQS
FRVDLRTLLGYYNQSKGGSHTIQVISGCEVGSDGRLLRGYQQYAYDGRDYIALNEDLKTWTAADMAALITKHKWEQAGEA
ERLRAYLEGTCVEWLRRYLKNGNATLLRTDSPKAHVTHHSRPEDKVTLRCWALGFYPADITLTWQLNGEELIQDMELVET
RPAGDGTFQKWASVVVPLGKEQYYTCHVYHQGLPEPLTLRWEPC
;
A
2 'polypeptide(L)'
;IQRTPKIQVYSRHPAENGKSNFLNCYVSGFHPSDIEVDLLKNGERIEKVEHSDLSFSKDWSFYLLYYTEFTPTEKDEYAC
RVNHVTLSQPKIVKWDRDM
;
B
3 'polypeptide(L)' AVYNFATM C
#
loop_
_chem_comp.id
_chem_comp.type
_chem_comp.name
_chem_comp.formula
ACT non-polymer 'ACETATE ION' 'C2 H3 O2 -1'
#
# COMPACT_ATOMS: atom_id res chain seq x y z
N GLY A 8 3.26 18.11 -13.34
CA GLY A 8 3.47 18.04 -11.91
C GLY A 8 2.19 18.24 -11.13
N PRO A 9 2.26 18.09 -9.80
CA PRO A 9 3.46 17.75 -9.04
C PRO A 9 3.86 16.28 -9.21
N HIS A 10 5.11 15.97 -8.87
CA HIS A 10 5.62 14.61 -8.89
C HIS A 10 6.40 14.36 -7.64
N SER A 11 6.60 13.08 -7.32
CA SER A 11 7.38 12.74 -6.13
CA SER A 11 7.35 12.71 -6.11
C SER A 11 8.25 11.52 -6.37
N LEU A 12 9.34 11.45 -5.61
CA LEU A 12 10.22 10.29 -5.56
C LEU A 12 10.40 9.99 -4.08
N ARG A 13 10.05 8.78 -3.65
CA ARG A 13 10.13 8.41 -2.24
CA ARG A 13 10.20 8.42 -2.25
C ARG A 13 10.68 7.00 -2.09
N TYR A 14 11.50 6.78 -1.07
CA TYR A 14 11.96 5.46 -0.72
C TYR A 14 11.37 5.07 0.61
N PHE A 15 10.79 3.88 0.66
CA PHE A 15 10.20 3.32 1.85
C PHE A 15 11.15 2.23 2.33
N VAL A 16 11.66 2.37 3.54
CA VAL A 16 12.67 1.44 4.05
C VAL A 16 12.08 0.65 5.21
N THR A 17 12.37 -0.66 5.24
CA THR A 17 11.91 -1.51 6.35
C THR A 17 13.05 -2.36 6.87
N ALA A 18 13.30 -2.31 8.18
CA ALA A 18 14.30 -3.18 8.78
C ALA A 18 13.62 -3.90 9.94
N VAL A 19 13.62 -5.23 9.92
CA VAL A 19 12.91 -6.02 10.94
C VAL A 19 13.84 -7.04 11.55
N SER A 20 14.13 -6.90 12.84
CA SER A 20 15.00 -7.88 13.48
C SER A 20 14.21 -9.17 13.72
N ARG A 21 14.91 -10.29 13.74
CA ARG A 21 14.28 -11.58 13.94
C ARG A 21 15.26 -12.51 14.63
N PRO A 22 15.50 -12.26 15.92
CA PRO A 22 16.48 -13.08 16.63
C PRO A 22 16.18 -14.57 16.52
N GLY A 23 17.24 -15.34 16.25
CA GLY A 23 17.09 -16.78 16.14
C GLY A 23 16.77 -17.20 14.71
N LEU A 24 16.58 -16.23 13.84
CA LEU A 24 16.33 -16.48 12.42
C LEU A 24 17.30 -15.68 11.56
N GLY A 25 18.52 -15.52 12.05
CA GLY A 25 19.55 -14.81 11.32
C GLY A 25 19.45 -13.29 11.38
N GLU A 26 20.04 -12.65 10.38
CA GLU A 26 20.12 -11.19 10.35
C GLU A 26 18.79 -10.57 10.00
N PRO A 27 18.60 -9.28 10.30
CA PRO A 27 17.30 -8.65 10.07
C PRO A 27 16.86 -8.69 8.62
N ARG A 28 15.56 -8.74 8.43
CA ARG A 28 15.00 -8.52 7.10
C ARG A 28 15.23 -7.06 6.76
N TYR A 29 15.68 -6.80 5.54
CA TYR A 29 15.92 -5.42 5.14
C TYR A 29 15.41 -5.19 3.71
N MET A 30 14.59 -4.17 3.54
CA MET A 30 14.01 -3.87 2.22
C MET A 30 14.02 -2.38 1.96
N GLU A 31 14.22 -2.01 0.70
CA GLU A 31 14.05 -0.62 0.28
C GLU A 31 13.15 -0.66 -0.94
N VAL A 32 12.10 0.16 -0.95
CA VAL A 32 11.19 0.20 -2.10
C VAL A 32 11.05 1.64 -2.57
N GLY A 33 11.29 1.87 -3.86
CA GLY A 33 11.20 3.22 -4.39
C GLY A 33 9.91 3.42 -5.16
N TYR A 34 9.37 4.63 -5.04
CA TYR A 34 8.13 5.03 -5.74
C TYR A 34 8.31 6.33 -6.49
N VAL A 35 7.87 6.36 -7.74
CA VAL A 35 7.72 7.59 -8.47
C VAL A 35 6.23 7.87 -8.56
N ASP A 36 5.82 9.05 -8.11
CA ASP A 36 4.40 9.37 -8.08
C ASP A 36 3.58 8.19 -7.53
N ASP A 37 4.01 7.62 -6.41
CA ASP A 37 3.24 6.56 -5.75
C ASP A 37 3.16 5.22 -6.50
N THR A 38 3.94 5.08 -7.57
CA THR A 38 4.06 3.84 -8.34
CA THR A 38 4.03 3.81 -8.25
C THR A 38 5.39 3.18 -8.02
N GLU A 39 5.37 1.92 -7.60
CA GLU A 39 6.64 1.25 -7.28
C GLU A 39 7.49 1.11 -8.53
N PHE A 40 8.77 1.45 -8.44
CA PHE A 40 9.62 1.39 -9.64
C PHE A 40 10.94 0.64 -9.43
N VAL A 41 11.36 0.50 -8.17
CA VAL A 41 12.56 -0.29 -7.84
C VAL A 41 12.37 -0.93 -6.48
N ARG A 42 13.08 -2.04 -6.24
CA ARG A 42 12.96 -2.72 -4.94
C ARG A 42 14.23 -3.52 -4.66
N PHE A 43 14.67 -3.44 -3.40
CA PHE A 43 15.75 -4.27 -2.87
C PHE A 43 15.18 -5.05 -1.67
N ASP A 44 15.46 -6.36 -1.61
CA ASP A 44 14.98 -7.17 -0.50
C ASP A 44 16.06 -8.17 -0.10
N SER A 45 16.49 -8.12 1.16
CA SER A 45 17.52 -9.02 1.67
C SER A 45 17.11 -10.49 1.62
N ASP A 46 15.81 -10.75 1.48
CA ASP A 46 15.33 -12.12 1.46
C ASP A 46 15.10 -12.67 0.06
N ALA A 47 15.40 -11.85 -0.95
CA ALA A 47 15.42 -12.33 -2.33
C ALA A 47 16.55 -13.35 -2.51
N GLU A 48 16.40 -14.26 -3.48
CA GLU A 48 17.45 -15.24 -3.72
C GLU A 48 18.77 -14.55 -4.05
N ASN A 49 18.66 -13.43 -4.78
CA ASN A 49 19.83 -12.62 -5.08
C ASN A 49 19.52 -11.17 -4.73
N PRO A 50 19.81 -10.78 -3.48
CA PRO A 50 19.48 -9.42 -3.05
C PRO A 50 20.22 -8.39 -3.89
N ARG A 51 19.43 -7.55 -4.55
CA ARG A 51 19.97 -6.57 -5.49
C ARG A 51 18.81 -5.62 -5.78
N TYR A 52 19.11 -4.36 -6.06
CA TYR A 52 18.03 -3.51 -6.55
C TYR A 52 17.59 -4.03 -7.93
N GLU A 53 16.27 -4.14 -8.11
CA GLU A 53 15.70 -4.64 -9.36
C GLU A 53 14.66 -3.65 -9.85
N PRO A 54 14.50 -3.55 -11.17
CA PRO A 54 13.43 -2.72 -11.72
C PRO A 54 12.06 -3.33 -11.42
N ARG A 55 11.08 -2.48 -11.14
CA ARG A 55 9.74 -2.93 -10.82
C ARG A 55 8.73 -2.32 -11.77
N ALA A 56 9.24 -1.54 -12.72
CA ALA A 56 8.45 -1.05 -13.84
C ALA A 56 9.30 -1.24 -15.07
N ARG A 57 8.69 -1.57 -16.20
CA ARG A 57 9.45 -1.91 -17.40
C ARG A 57 10.36 -0.78 -17.89
N TRP A 58 9.94 0.46 -17.72
CA TRP A 58 10.75 1.58 -18.19
C TRP A 58 12.09 1.72 -17.45
N MET A 59 12.20 1.10 -16.28
CA MET A 59 13.46 1.14 -15.56
C MET A 59 14.50 0.20 -16.14
N GLU A 60 14.06 -0.65 -17.06
CA GLU A 60 14.98 -1.61 -17.68
C GLU A 60 15.96 -0.91 -18.61
N GLN A 61 15.79 0.39 -18.81
CA GLN A 61 16.71 1.15 -19.64
C GLN A 61 17.92 1.66 -18.87
N GLU A 62 17.95 1.43 -17.56
CA GLU A 62 19.12 1.79 -16.79
C GLU A 62 20.16 0.69 -16.94
N GLY A 63 21.38 1.13 -17.20
CA GLY A 63 22.50 0.23 -17.43
C GLY A 63 23.04 -0.33 -16.13
N PRO A 64 24.06 -1.19 -16.25
CA PRO A 64 24.58 -1.95 -15.11
C PRO A 64 25.15 -1.08 -14.01
N GLU A 65 25.78 0.04 -14.37
CA GLU A 65 26.36 0.95 -13.40
C GLU A 65 25.31 1.44 -12.40
N TYR A 66 24.13 1.78 -12.91
CA TYR A 66 23.05 2.23 -12.04
C TYR A 66 22.70 1.17 -11.00
N TRP A 67 22.44 -0.05 -11.46
CA TRP A 67 21.99 -1.10 -10.55
C TRP A 67 23.09 -1.45 -9.55
N GLU A 68 24.34 -1.45 -10.00
CA GLU A 68 25.45 -1.76 -9.11
C GLU A 68 25.57 -0.68 -8.03
N ARG A 69 25.51 0.58 -8.45
CA ARG A 69 25.63 1.70 -7.52
C ARG A 69 24.52 1.72 -6.47
N GLU A 70 23.29 1.55 -6.93
CA GLU A 70 22.15 1.58 -6.01
C GLU A 70 22.20 0.39 -5.07
N THR A 71 22.59 -0.77 -5.61
CA THR A 71 22.71 -1.97 -4.77
C THR A 71 23.77 -1.78 -3.68
N GLN A 72 24.91 -1.17 -4.03
CA GLN A 72 25.95 -0.95 -3.03
C GLN A 72 25.44 -0.03 -1.92
N LYS A 73 24.64 0.97 -2.29
CA LYS A 73 24.03 1.84 -1.26
C LYS A 73 23.07 1.08 -0.36
N ALA A 74 22.23 0.24 -0.96
CA ALA A 74 21.29 -0.56 -0.19
C ALA A 74 22.03 -1.48 0.77
N LYS A 75 23.12 -2.08 0.30
CA LYS A 75 23.88 -2.98 1.17
C LYS A 75 24.53 -2.23 2.31
N GLY A 76 24.98 -1.00 2.05
CA GLY A 76 25.50 -0.16 3.13
C GLY A 76 24.42 0.25 4.11
N ASN A 77 23.26 0.62 3.58
CA ASN A 77 22.13 0.97 4.43
C ASN A 77 21.70 -0.22 5.28
N GLU A 78 21.72 -1.41 4.67
CA GLU A 78 21.34 -2.63 5.39
C GLU A 78 22.22 -2.81 6.62
N GLN A 79 23.52 -2.66 6.46
CA GLN A 79 24.44 -2.82 7.58
C GLN A 79 24.20 -1.76 8.63
N SER A 80 23.86 -0.55 8.17
CA SER A 80 23.64 0.56 9.08
C SER A 80 22.40 0.32 9.93
N PHE A 81 21.30 -0.11 9.31
CA PHE A 81 20.08 -0.39 10.06
C PHE A 81 20.22 -1.61 10.98
N ARG A 82 21.09 -2.55 10.62
CA ARG A 82 21.38 -3.67 11.53
C ARG A 82 21.95 -3.13 12.83
N VAL A 83 22.89 -2.19 12.73
CA VAL A 83 23.45 -1.55 13.92
C VAL A 83 22.37 -0.78 14.66
N ASP A 84 21.58 -0.02 13.91
CA ASP A 84 20.61 0.87 14.54
C ASP A 84 19.50 0.11 15.31
N LEU A 85 19.12 -1.07 14.84
CA LEU A 85 18.18 -1.89 15.58
C LEU A 85 18.75 -2.20 16.96
N ARG A 86 20.03 -2.54 17.01
CA ARG A 86 20.65 -2.80 18.30
C ARG A 86 20.73 -1.53 19.15
N THR A 87 21.04 -0.41 18.50
CA THR A 87 21.17 0.85 19.23
C THR A 87 19.84 1.23 19.89
N LEU A 88 18.76 1.13 19.14
CA LEU A 88 17.46 1.54 19.68
C LEU A 88 17.00 0.62 20.80
N LEU A 89 17.34 -0.66 20.71
CA LEU A 89 17.06 -1.57 21.80
C LEU A 89 17.66 -1.00 23.09
N GLY A 90 18.90 -0.54 23.00
CA GLY A 90 19.58 0.12 24.11
C GLY A 90 18.90 1.40 24.55
N TYR A 91 18.57 2.27 23.60
CA TYR A 91 17.94 3.54 23.98
C TYR A 91 16.67 3.34 24.82
N TYR A 92 15.90 2.31 24.48
CA TYR A 92 14.63 2.04 25.17
C TYR A 92 14.76 1.03 26.30
N ASN A 93 15.99 0.63 26.59
CA ASN A 93 16.26 -0.38 27.61
C ASN A 93 15.41 -1.64 27.43
N GLN A 94 15.25 -2.04 26.18
CA GLN A 94 14.47 -3.23 25.87
C GLN A 94 15.33 -4.47 25.98
N SER A 95 14.70 -5.57 26.37
CA SER A 95 15.41 -6.84 26.50
C SER A 95 15.72 -7.40 25.12
N LYS A 96 16.81 -8.14 25.04
CA LYS A 96 17.16 -8.79 23.78
C LYS A 96 16.23 -9.96 23.50
N GLY A 97 16.08 -10.27 22.22
CA GLY A 97 15.43 -11.49 21.78
C GLY A 97 14.11 -11.28 21.05
N GLY A 98 13.61 -10.04 21.05
CA GLY A 98 12.34 -9.75 20.41
C GLY A 98 12.51 -9.21 19.01
N SER A 99 11.43 -9.22 18.23
CA SER A 99 11.46 -8.65 16.88
C SER A 99 11.00 -7.20 16.92
N HIS A 100 11.80 -6.31 16.32
CA HIS A 100 11.48 -4.89 16.26
C HIS A 100 11.65 -4.37 14.84
N THR A 101 11.05 -3.21 14.58
CA THR A 101 10.97 -2.69 13.23
C THR A 101 11.39 -1.24 13.17
N ILE A 102 12.30 -0.91 12.25
CA ILE A 102 12.54 0.49 11.91
C ILE A 102 12.01 0.73 10.50
N GLN A 103 11.25 1.80 10.32
CA GLN A 103 10.79 2.17 8.97
C GLN A 103 11.17 3.60 8.67
N VAL A 104 11.36 3.89 7.38
CA VAL A 104 11.69 5.24 6.95
C VAL A 104 10.92 5.55 5.67
N ILE A 105 10.46 6.79 5.56
CA ILE A 105 9.98 7.33 4.28
C ILE A 105 10.86 8.53 3.97
N SER A 106 11.50 8.50 2.80
CA SER A 106 12.53 9.48 2.46
C SER A 106 12.33 9.93 1.02
N GLY A 107 12.29 11.24 0.79
CA GLY A 107 12.21 11.67 -0.59
C GLY A 107 11.69 13.07 -0.80
N CYS A 108 11.24 13.34 -2.01
CA CYS A 108 10.92 14.70 -2.40
C CYS A 108 9.63 14.79 -3.20
N GLU A 109 8.95 15.91 -3.08
CA GLU A 109 7.84 16.24 -3.97
C GLU A 109 8.19 17.52 -4.69
N VAL A 110 8.01 17.53 -6.00
CA VAL A 110 8.34 18.71 -6.79
CA VAL A 110 8.38 18.65 -6.84
C VAL A 110 7.15 19.21 -7.56
N GLY A 111 7.09 20.52 -7.74
CA GLY A 111 6.01 21.14 -8.49
C GLY A 111 6.17 20.93 -9.98
N SER A 112 5.16 21.34 -10.74
CA SER A 112 5.22 21.22 -12.19
C SER A 112 6.33 22.10 -12.78
N ASP A 113 6.80 23.08 -12.01
CA ASP A 113 7.88 23.96 -12.47
C ASP A 113 9.24 23.43 -12.05
N GLY A 114 9.26 22.27 -11.42
CA GLY A 114 10.51 21.60 -11.09
C GLY A 114 11.12 22.05 -9.78
N ARG A 115 10.44 22.93 -9.06
CA ARG A 115 10.95 23.34 -7.76
CA ARG A 115 10.90 23.38 -7.76
C ARG A 115 10.46 22.42 -6.66
N LEU A 116 11.30 22.23 -5.65
CA LEU A 116 10.94 21.39 -4.52
C LEU A 116 9.73 21.97 -3.79
N LEU A 117 8.71 21.15 -3.55
CA LEU A 117 7.55 21.61 -2.79
C LEU A 117 7.66 21.17 -1.36
N ARG A 118 8.10 19.93 -1.16
CA ARG A 118 8.40 19.47 0.18
C ARG A 118 9.38 18.31 0.19
N GLY A 119 10.03 18.14 1.33
CA GLY A 119 10.97 17.06 1.51
C GLY A 119 10.41 16.14 2.58
N TYR A 120 10.77 14.87 2.50
CA TYR A 120 10.30 13.90 3.49
C TYR A 120 11.50 13.17 4.06
N GLN A 121 11.61 13.14 5.40
CA GLN A 121 12.51 12.19 6.02
C GLN A 121 11.88 11.81 7.36
N GLN A 122 11.14 10.71 7.34
CA GLN A 122 10.32 10.32 8.49
C GLN A 122 10.73 8.94 8.95
N TYR A 123 10.98 8.78 10.26
CA TYR A 123 11.32 7.48 10.84
C TYR A 123 10.26 7.00 11.81
N ALA A 124 10.08 5.68 11.87
CA ALA A 124 9.22 5.07 12.87
C ALA A 124 9.93 3.89 13.51
N TYR A 125 9.66 3.66 14.79
CA TYR A 125 10.18 2.46 15.47
C TYR A 125 8.97 1.71 16.01
N ASP A 126 8.89 0.42 15.69
CA ASP A 126 7.76 -0.41 16.07
C ASP A 126 6.42 0.25 15.75
N GLY A 127 6.38 0.89 14.59
CA GLY A 127 5.15 1.42 14.02
C GLY A 127 4.70 2.77 14.58
N ARG A 128 5.56 3.39 15.38
CA ARG A 128 5.27 4.69 15.99
C ARG A 128 6.30 5.72 15.55
N ASP A 129 5.84 6.94 15.28
CA ASP A 129 6.74 8.01 14.88
C ASP A 129 7.90 8.13 15.85
N TYR A 130 9.10 8.29 15.28
CA TYR A 130 10.33 8.37 16.05
C TYR A 130 11.03 9.71 15.85
N ILE A 131 11.40 10.03 14.61
CA ILE A 131 11.99 11.34 14.33
C ILE A 131 11.63 11.74 12.90
N ALA A 132 11.53 13.04 12.64
CA ALA A 132 11.26 13.51 11.28
C ALA A 132 11.96 14.85 11.05
N LEU A 133 12.35 15.08 9.80
CA LEU A 133 12.87 16.38 9.39
C LEU A 133 11.71 17.35 9.27
N ASN A 134 11.87 18.56 9.81
CA ASN A 134 10.81 19.56 9.74
C ASN A 134 10.73 20.20 8.36
N GLU A 135 9.69 20.98 8.13
CA GLU A 135 9.48 21.61 6.82
C GLU A 135 10.53 22.65 6.49
N ASP A 136 11.25 23.13 7.50
CA ASP A 136 12.33 24.08 7.24
C ASP A 136 13.56 23.41 6.63
N LEU A 137 13.54 22.08 6.59
CA LEU A 137 14.66 21.28 6.11
C LEU A 137 15.94 21.53 6.89
N LYS A 138 15.80 22.00 8.13
CA LYS A 138 16.95 22.37 8.96
C LYS A 138 16.90 21.77 10.35
N THR A 139 15.70 21.54 10.87
CA THR A 139 15.56 21.05 12.25
C THR A 139 14.74 19.78 12.32
N TRP A 140 14.79 19.11 13.47
CA TRP A 140 14.17 17.80 13.67
C TRP A 140 13.09 17.84 14.74
N THR A 141 12.06 17.02 14.56
CA THR A 141 11.10 16.75 15.62
C THR A 141 11.30 15.31 16.10
N ALA A 142 11.75 15.19 17.36
CA ALA A 142 11.92 13.91 18.02
C ALA A 142 10.67 13.59 18.83
N ALA A 143 10.23 12.33 18.76
CA ALA A 143 8.98 11.92 19.40
C ALA A 143 9.10 11.64 20.89
N ASP A 144 10.29 11.32 21.36
CA ASP A 144 10.47 10.94 22.76
C ASP A 144 11.94 11.08 23.17
N MET A 145 12.27 10.68 24.41
CA MET A 145 13.64 10.87 24.87
C MET A 145 14.68 10.00 24.16
N ALA A 146 14.26 8.86 23.63
CA ALA A 146 15.18 8.05 22.85
C ALA A 146 15.51 8.74 21.54
N ALA A 147 14.47 9.18 20.83
CA ALA A 147 14.66 9.90 19.57
C ALA A 147 15.46 11.19 19.77
N LEU A 148 15.38 11.77 20.97
CA LEU A 148 16.18 12.94 21.26
C LEU A 148 17.68 12.64 21.16
N ILE A 149 18.07 11.40 21.44
CA ILE A 149 19.48 11.01 21.35
C ILE A 149 19.92 11.05 19.89
N THR A 150 19.08 10.47 19.02
CA THR A 150 19.34 10.51 17.57
C THR A 150 19.35 11.96 17.09
N LYS A 151 18.37 12.74 17.53
CA LYS A 151 18.33 14.16 17.15
C LYS A 151 19.64 14.88 17.49
N HIS A 152 20.16 14.65 18.70
CA HIS A 152 21.40 15.31 19.11
C HIS A 152 22.57 14.83 18.26
N LYS A 153 22.63 13.53 17.97
CA LYS A 153 23.69 13.01 17.10
C LYS A 153 23.64 13.70 15.75
N TRP A 154 22.44 13.80 15.20
CA TRP A 154 22.28 14.39 13.88
C TRP A 154 22.57 15.89 13.86
N GLU A 155 22.22 16.59 14.94
CA GLU A 155 22.55 18.02 15.02
C GLU A 155 24.06 18.20 15.04
N GLN A 156 24.74 17.38 15.86
CA GLN A 156 26.18 17.47 15.97
C GLN A 156 26.90 17.13 14.67
N ALA A 157 26.33 16.20 13.90
CA ALA A 157 26.93 15.76 12.65
C ALA A 157 26.58 16.64 11.45
N GLY A 158 25.67 17.59 11.64
CA GLY A 158 25.20 18.41 10.54
C GLY A 158 24.42 17.59 9.53
N GLU A 159 23.68 16.60 10.03
CA GLU A 159 22.93 15.68 9.18
C GLU A 159 21.85 16.38 8.35
N ALA A 160 21.20 17.38 8.94
CA ALA A 160 20.15 18.07 8.18
C ALA A 160 20.68 18.72 6.91
N GLU A 161 21.87 19.32 7.01
CA GLU A 161 22.49 19.97 5.84
C GLU A 161 22.80 18.94 4.76
N ARG A 162 23.32 17.78 5.18
CA ARG A 162 23.62 16.71 4.23
C ARG A 162 22.34 16.19 3.57
N LEU A 163 21.30 16.05 4.37
CA LEU A 163 20.04 15.56 3.86
C LEU A 163 19.39 16.57 2.92
N ARG A 164 19.43 17.84 3.31
CA ARG A 164 18.85 18.88 2.48
C ARG A 164 19.51 18.92 1.11
N ALA A 165 20.82 18.70 1.06
CA ALA A 165 21.53 18.64 -0.21
C ALA A 165 21.00 17.51 -1.10
N TYR A 166 20.73 16.36 -0.50
CA TYR A 166 20.10 15.25 -1.21
C TYR A 166 18.71 15.63 -1.70
N LEU A 167 17.88 16.16 -0.80
CA LEU A 167 16.48 16.44 -1.13
C LEU A 167 16.35 17.48 -2.24
N GLU A 168 17.16 18.53 -2.18
CA GLU A 168 17.10 19.60 -3.18
C GLU A 168 17.88 19.31 -4.46
N GLY A 169 18.84 18.39 -4.37
CA GLY A 169 19.74 18.09 -5.46
C GLY A 169 19.48 16.74 -6.08
N THR A 170 20.22 15.74 -5.62
CA THR A 170 20.05 14.37 -6.11
C THR A 170 18.61 13.93 -6.27
N CYS A 171 17.80 14.10 -5.24
CA CYS A 171 16.44 13.54 -5.28
C CYS A 171 15.67 14.16 -6.46
N VAL A 172 15.74 15.48 -6.57
CA VAL A 172 15.00 16.20 -7.61
C VAL A 172 15.52 15.86 -9.00
N GLU A 173 16.84 15.75 -9.12
CA GLU A 173 17.45 15.47 -10.41
C GLU A 173 17.17 14.04 -10.89
N TRP A 174 17.24 13.08 -9.98
CA TRP A 174 16.91 11.71 -10.36
C TRP A 174 15.44 11.54 -10.66
N LEU A 175 14.59 12.23 -9.91
CA LEU A 175 13.16 12.20 -10.22
C LEU A 175 12.96 12.65 -11.67
N ARG A 176 13.60 13.75 -12.05
CA ARG A 176 13.47 14.25 -13.42
C ARG A 176 13.85 13.18 -14.45
N ARG A 177 14.94 12.47 -14.16
CA ARG A 177 15.42 11.40 -15.00
C ARG A 177 14.39 10.27 -15.11
N TYR A 178 13.89 9.83 -13.95
CA TYR A 178 12.92 8.73 -13.93
C TYR A 178 11.67 9.07 -14.71
N LEU A 179 11.15 10.27 -14.50
CA LEU A 179 9.92 10.72 -15.18
C LEU A 179 10.08 10.71 -16.69
N LYS A 180 11.28 11.05 -17.16
CA LYS A 180 11.54 11.07 -18.60
C LYS A 180 11.47 9.67 -19.20
N ASN A 181 11.95 8.68 -18.46
CA ASN A 181 11.86 7.29 -18.90
C ASN A 181 10.45 6.71 -18.71
N GLY A 182 9.76 7.17 -17.68
CA GLY A 182 8.49 6.56 -17.31
C GLY A 182 7.26 7.37 -17.63
N ASN A 183 7.46 8.56 -18.17
CA ASN A 183 6.37 9.49 -18.46
C ASN A 183 5.15 8.79 -19.07
N ALA A 184 5.34 8.23 -20.26
CA ALA A 184 4.25 7.57 -20.98
C ALA A 184 3.51 6.56 -20.12
N THR A 185 4.26 5.71 -19.41
CA THR A 185 3.66 4.66 -18.58
C THR A 185 2.96 5.23 -17.35
N LEU A 186 3.58 6.23 -16.72
CA LEU A 186 3.05 6.80 -15.49
C LEU A 186 1.71 7.52 -15.71
N LEU A 187 1.55 8.10 -16.89
CA LEU A 187 0.35 8.87 -17.21
C LEU A 187 -0.89 8.00 -17.43
N ARG A 188 -0.69 6.70 -17.58
CA ARG A 188 -1.78 5.81 -17.95
C ARG A 188 -2.94 5.88 -16.97
N THR A 189 -4.17 5.89 -17.49
CA THR A 189 -5.34 5.74 -16.63
C THR A 189 -6.27 4.71 -17.23
N ASP A 190 -6.95 3.98 -16.36
CA ASP A 190 -7.98 3.06 -16.79
C ASP A 190 -9.25 3.50 -16.12
N SER A 191 -10.27 3.81 -16.92
CA SER A 191 -11.53 4.25 -16.37
C SER A 191 -12.26 3.10 -15.70
N PRO A 192 -12.96 3.39 -14.61
CA PRO A 192 -13.79 2.34 -14.02
C PRO A 192 -14.94 1.93 -14.93
N LYS A 193 -15.29 0.65 -14.87
CA LYS A 193 -16.54 0.18 -15.44
C LYS A 193 -17.47 -0.10 -14.27
N ALA A 194 -18.71 0.38 -14.36
CA ALA A 194 -19.61 0.29 -13.22
C ALA A 194 -20.84 -0.56 -13.52
N HIS A 195 -21.39 -1.16 -12.47
CA HIS A 195 -22.69 -1.83 -12.57
C HIS A 195 -23.34 -1.87 -11.21
N VAL A 196 -24.67 -2.03 -11.20
CA VAL A 196 -25.41 -2.11 -9.94
C VAL A 196 -26.02 -3.48 -9.78
N THR A 197 -25.84 -4.08 -8.61
CA THR A 197 -26.49 -5.34 -8.28
C THR A 197 -27.59 -5.16 -7.23
N HIS A 198 -28.49 -6.13 -7.15
CA HIS A 198 -29.73 -6.06 -6.38
C HIS A 198 -29.80 -7.32 -5.51
N HIS A 199 -30.01 -7.14 -4.22
CA HIS A 199 -30.15 -8.27 -3.31
C HIS A 199 -31.31 -8.09 -2.35
N SER A 200 -32.14 -9.11 -2.25
CA SER A 200 -33.30 -9.07 -1.37
C SER A 200 -32.90 -9.22 0.09
N ARG A 201 -33.57 -8.45 0.95
CA ARG A 201 -33.39 -8.53 2.38
C ARG A 201 -34.75 -8.71 3.03
N PRO A 202 -34.78 -9.11 4.30
CA PRO A 202 -36.05 -9.28 5.01
C PRO A 202 -36.84 -7.98 5.04
N GLU A 203 -38.15 -8.10 5.29
CA GLU A 203 -39.01 -6.94 5.44
C GLU A 203 -39.06 -6.10 4.15
N ASP A 204 -39.04 -6.79 3.01
CA ASP A 204 -39.15 -6.14 1.71
C ASP A 204 -38.16 -4.99 1.53
N LYS A 205 -36.93 -5.20 2.01
CA LYS A 205 -35.85 -4.25 1.81
C LYS A 205 -34.91 -4.77 0.72
N VAL A 206 -34.13 -3.88 0.15
CA VAL A 206 -33.26 -4.23 -0.96
C VAL A 206 -31.90 -3.58 -0.80
N THR A 207 -30.84 -4.37 -0.93
CA THR A 207 -29.50 -3.81 -1.02
C THR A 207 -29.18 -3.51 -2.47
N LEU A 208 -28.87 -2.25 -2.77
CA LEU A 208 -28.36 -1.87 -4.08
C LEU A 208 -26.86 -1.64 -3.95
N ARG A 209 -26.07 -2.37 -4.73
CA ARG A 209 -24.61 -2.30 -4.61
C ARG A 209 -24.03 -1.78 -5.90
N CYS A 210 -23.35 -0.63 -5.81
CA CYS A 210 -22.73 -0.02 -6.97
C CYS A 210 -21.25 -0.37 -7.04
N TRP A 211 -20.88 -1.07 -8.11
CA TRP A 211 -19.52 -1.54 -8.30
C TRP A 211 -18.74 -0.66 -9.25
N ALA A 212 -17.48 -0.43 -8.92
CA ALA A 212 -16.51 0.12 -9.86
C ALA A 212 -15.36 -0.87 -10.00
N LEU A 213 -15.04 -1.22 -11.24
CA LEU A 213 -14.02 -2.24 -11.49
C LEU A 213 -13.04 -1.81 -12.56
N GLY A 214 -11.81 -2.32 -12.49
CA GLY A 214 -10.86 -2.19 -13.57
C GLY A 214 -10.23 -0.82 -13.69
N PHE A 215 -10.26 -0.05 -12.62
CA PHE A 215 -9.78 1.32 -12.70
C PHE A 215 -8.36 1.52 -12.18
N TYR A 216 -7.73 2.58 -12.67
CA TYR A 216 -6.38 2.94 -12.25
C TYR A 216 -6.19 4.41 -12.59
N PRO A 217 -5.61 5.18 -11.66
CA PRO A 217 -5.11 4.82 -10.32
C PRO A 217 -6.24 4.57 -9.32
N ALA A 218 -5.87 4.29 -8.08
CA ALA A 218 -6.83 3.84 -7.06
C ALA A 218 -7.81 4.89 -6.59
N ASP A 219 -7.45 6.17 -6.64
CA ASP A 219 -8.33 7.22 -6.17
CA ASP A 219 -8.34 7.21 -6.16
C ASP A 219 -9.67 7.19 -6.89
N ILE A 220 -10.76 7.10 -6.15
CA ILE A 220 -12.09 7.07 -6.74
C ILE A 220 -13.11 7.49 -5.69
N THR A 221 -14.27 7.95 -6.13
CA THR A 221 -15.36 8.25 -5.21
C THR A 221 -16.65 7.67 -5.77
N LEU A 222 -17.39 6.96 -4.93
CA LEU A 222 -18.71 6.46 -5.27
C LEU A 222 -19.72 7.10 -4.35
N THR A 223 -20.85 7.54 -4.90
CA THR A 223 -21.91 8.09 -4.06
C THR A 223 -23.26 7.53 -4.49
N TRP A 224 -24.22 7.56 -3.57
CA TRP A 224 -25.58 7.22 -3.89
C TRP A 224 -26.47 8.44 -3.65
N GLN A 225 -27.35 8.72 -4.61
CA GLN A 225 -28.25 9.87 -4.52
C GLN A 225 -29.70 9.39 -4.58
N LEU A 226 -30.53 9.96 -3.75
CA LEU A 226 -31.98 9.89 -3.95
C LEU A 226 -32.40 11.22 -4.50
N ASN A 227 -33.03 11.34 -5.66
CA ASN A 227 -33.50 12.68 -6.15
C ASN A 227 -32.53 13.90 -6.29
N GLY A 228 -31.36 13.68 -6.88
CA GLY A 228 -30.42 14.78 -7.07
C GLY A 228 -29.62 15.31 -5.89
N GLU A 229 -29.72 14.66 -4.77
CA GLU A 229 -29.04 15.10 -3.61
C GLU A 229 -27.51 15.01 -3.67
N GLU A 230 -27.03 13.90 -4.24
CA GLU A 230 -25.62 13.40 -4.12
C GLU A 230 -25.34 12.98 -2.66
N LEU A 231 -26.43 12.67 -1.97
CA LEU A 231 -26.46 12.61 -0.55
C LEU A 231 -27.01 11.47 0.16
N ILE A 232 -26.38 10.34 0.21
CA ILE A 232 -26.85 9.47 1.20
C ILE A 232 -25.76 9.17 2.19
N GLN A 233 -26.01 9.58 3.41
CA GLN A 233 -25.08 9.50 4.50
C GLN A 233 -24.61 8.14 4.99
N ASP A 234 -25.51 7.15 5.02
CA ASP A 234 -25.34 5.85 5.66
C ASP A 234 -25.02 4.64 4.75
N MET A 235 -24.28 4.85 3.72
CA MET A 235 -23.95 3.73 2.88
C MET A 235 -22.98 2.81 3.54
N GLU A 236 -22.90 1.61 3.04
CA GLU A 236 -21.76 0.74 3.27
C GLU A 236 -20.77 0.87 2.14
N LEU A 237 -19.50 0.99 2.48
CA LEU A 237 -18.44 1.11 1.50
C LEU A 237 -17.44 0.03 1.85
N VAL A 238 -16.73 -0.49 0.86
CA VAL A 238 -15.52 -1.24 1.17
C VAL A 238 -14.32 -0.39 0.81
N GLU A 239 -13.21 -0.63 1.49
CA GLU A 239 -11.97 0.04 1.14
C GLU A 239 -11.54 -0.38 -0.27
N THR A 240 -10.97 0.56 -1.01
CA THR A 240 -10.47 0.27 -2.35
C THR A 240 -9.43 -0.84 -2.28
N ARG A 241 -9.52 -1.80 -3.20
CA ARG A 241 -8.71 -3.00 -3.10
C ARG A 241 -8.12 -3.38 -4.45
N PRO A 242 -6.92 -3.98 -4.44
CA PRO A 242 -6.29 -4.35 -5.72
C PRO A 242 -6.89 -5.60 -6.34
N ALA A 243 -7.13 -5.56 -7.65
CA ALA A 243 -7.70 -6.74 -8.32
C ALA A 243 -6.67 -7.82 -8.54
N GLY A 244 -5.39 -7.43 -8.53
CA GLY A 244 -4.30 -8.36 -8.76
C GLY A 244 -3.65 -8.23 -10.13
N ASP A 245 -4.27 -7.44 -11.01
CA ASP A 245 -3.78 -7.22 -12.37
C ASP A 245 -3.32 -5.78 -12.61
N GLY A 246 -3.14 -5.02 -11.54
CA GLY A 246 -2.73 -3.64 -11.65
C GLY A 246 -3.89 -2.66 -11.57
N THR A 247 -5.12 -3.17 -11.58
CA THR A 247 -6.28 -2.31 -11.44
C THR A 247 -6.91 -2.47 -10.06
N PHE A 248 -7.90 -1.62 -9.77
CA PHE A 248 -8.53 -1.60 -8.46
C PHE A 248 -10.04 -1.80 -8.53
N GLN A 249 -10.63 -2.11 -7.38
CA GLN A 249 -12.07 -2.33 -7.24
C GLN A 249 -12.60 -1.58 -6.04
N LYS A 250 -13.88 -1.19 -6.10
CA LYS A 250 -14.54 -0.64 -4.93
C LYS A 250 -16.03 -0.81 -5.15
N TRP A 251 -16.79 -0.90 -4.06
CA TRP A 251 -18.24 -0.82 -4.15
C TRP A 251 -18.84 -0.04 -3.01
N ALA A 252 -20.05 0.46 -3.22
CA ALA A 252 -20.79 1.19 -2.22
C ALA A 252 -22.22 0.71 -2.31
N SER A 253 -22.86 0.46 -1.16
CA SER A 253 -24.23 -0.03 -1.16
C SER A 253 -25.16 0.81 -0.30
N VAL A 254 -26.45 0.73 -0.61
CA VAL A 254 -27.48 1.31 0.24
C VAL A 254 -28.62 0.32 0.36
N VAL A 255 -29.35 0.41 1.47
CA VAL A 255 -30.52 -0.41 1.66
C VAL A 255 -31.76 0.44 1.45
N VAL A 256 -32.64 0.00 0.56
CA VAL A 256 -33.81 0.80 0.20
C VAL A 256 -35.07 -0.07 0.24
N PRO A 257 -36.24 0.57 0.26
CA PRO A 257 -37.47 -0.22 0.29
C PRO A 257 -37.75 -0.83 -1.08
N LEU A 258 -38.23 -2.07 -1.09
CA LEU A 258 -38.71 -2.69 -2.31
C LEU A 258 -39.79 -1.79 -2.89
N GLY A 259 -39.64 -1.42 -4.16
CA GLY A 259 -40.59 -0.53 -4.81
C GLY A 259 -40.05 0.87 -5.01
N LYS A 260 -38.88 1.14 -4.44
CA LYS A 260 -38.28 2.47 -4.55
C LYS A 260 -36.93 2.44 -5.25
N GLU A 261 -36.47 1.24 -5.64
CA GLU A 261 -35.12 1.09 -6.18
C GLU A 261 -34.82 2.05 -7.32
N GLN A 262 -35.82 2.31 -8.15
CA GLN A 262 -35.63 3.13 -9.35
C GLN A 262 -35.30 4.59 -9.08
N TYR A 263 -35.47 5.04 -7.84
CA TYR A 263 -35.28 6.44 -7.51
C TYR A 263 -33.91 6.74 -6.94
N TYR A 264 -33.07 5.72 -6.90
CA TYR A 264 -31.71 5.87 -6.38
C TYR A 264 -30.69 5.82 -7.51
N THR A 265 -29.74 6.75 -7.47
CA THR A 265 -28.71 6.83 -8.50
C THR A 265 -27.31 6.77 -7.90
N CYS A 266 -26.45 5.95 -8.50
CA CYS A 266 -25.05 5.86 -8.11
C CYS A 266 -24.23 6.72 -9.03
N HIS A 267 -23.30 7.49 -8.47
CA HIS A 267 -22.35 8.27 -9.26
C HIS A 267 -20.94 7.79 -9.01
N VAL A 268 -20.15 7.70 -10.07
CA VAL A 268 -18.76 7.26 -9.97
C VAL A 268 -17.85 8.34 -10.52
N TYR A 269 -16.93 8.81 -9.67
CA TYR A 269 -16.00 9.89 -10.03
C TYR A 269 -14.59 9.36 -10.10
N HIS A 270 -13.94 9.57 -11.26
CA HIS A 270 -12.59 9.08 -11.45
C HIS A 270 -11.86 9.92 -12.49
N GLN A 271 -10.57 10.13 -12.27
CA GLN A 271 -9.81 11.02 -13.15
C GLN A 271 -9.73 10.54 -14.60
N GLY A 272 -10.04 9.26 -14.81
CA GLY A 272 -9.99 8.71 -16.15
C GLY A 272 -11.24 8.97 -16.97
N LEU A 273 -12.31 9.38 -16.30
CA LEU A 273 -13.61 9.52 -16.94
C LEU A 273 -13.77 10.87 -17.61
N PRO A 274 -14.36 10.89 -18.81
CA PRO A 274 -14.66 12.18 -19.46
C PRO A 274 -15.71 12.93 -18.64
N GLU A 275 -16.64 12.18 -18.07
CA GLU A 275 -17.65 12.71 -17.14
C GLU A 275 -17.98 11.62 -16.13
N PRO A 276 -18.44 12.02 -14.93
CA PRO A 276 -18.79 11.00 -13.95
C PRO A 276 -19.81 10.02 -14.49
N LEU A 277 -19.72 8.77 -14.06
CA LEU A 277 -20.74 7.79 -14.41
C LEU A 277 -21.98 7.99 -13.56
N THR A 278 -23.14 7.78 -14.18
CA THR A 278 -24.41 7.78 -13.47
C THR A 278 -25.13 6.48 -13.81
N LEU A 279 -25.52 5.73 -12.80
CA LEU A 279 -26.25 4.50 -13.07
C LEU A 279 -27.28 4.17 -12.00
N ARG A 280 -28.22 3.32 -12.34
CA ARG A 280 -29.23 2.87 -11.38
C ARG A 280 -29.47 1.39 -11.59
N TRP A 281 -30.23 0.79 -10.69
CA TRP A 281 -30.56 -0.62 -10.83
C TRP A 281 -31.42 -0.83 -12.07
N GLU A 282 -30.97 -1.70 -12.96
CA GLU A 282 -31.70 -1.99 -14.17
C GLU A 282 -32.49 -3.29 -14.05
N PRO A 283 -33.75 -3.21 -13.70
CA PRO A 283 -34.49 -4.44 -13.54
C PRO A 283 -34.29 -5.12 -14.85
N CYS A 284 -33.85 -6.34 -14.76
CA CYS A 284 -33.41 -7.06 -15.92
C CYS A 284 -33.78 -6.33 -17.19
N ILE B 1 3.03 0.80 18.54
CA ILE B 1 1.64 0.33 18.58
C ILE B 1 1.40 -0.76 17.54
N GLN B 2 0.71 -1.82 17.97
CA GLN B 2 0.31 -2.90 17.07
C GLN B 2 -1.09 -2.65 16.53
N ARG B 3 -1.30 -2.99 15.27
CA ARG B 3 -2.55 -2.70 14.58
C ARG B 3 -3.08 -3.98 13.93
N THR B 4 -4.37 -4.26 14.10
CA THR B 4 -4.95 -5.48 13.57
C THR B 4 -5.28 -5.38 12.08
N PRO B 5 -5.12 -6.49 11.33
CA PRO B 5 -5.32 -6.37 9.88
C PRO B 5 -6.78 -6.19 9.48
N LYS B 6 -6.99 -5.38 8.45
CA LYS B 6 -8.23 -5.37 7.69
C LYS B 6 -8.12 -6.52 6.71
N ILE B 7 -9.25 -7.18 6.43
CA ILE B 7 -9.25 -8.35 5.55
C ILE B 7 -10.40 -8.26 4.57
N GLN B 8 -10.12 -8.42 3.28
CA GLN B 8 -11.17 -8.57 2.28
C GLN B 8 -10.87 -9.78 1.42
N VAL B 9 -11.90 -10.58 1.14
CA VAL B 9 -11.77 -11.73 0.26
CA VAL B 9 -11.75 -11.71 0.25
C VAL B 9 -12.70 -11.51 -0.92
N TYR B 10 -12.18 -11.72 -2.12
CA TYR B 10 -12.93 -11.37 -3.33
C TYR B 10 -12.25 -11.95 -4.54
N SER B 11 -12.93 -11.92 -5.67
CA SER B 11 -12.35 -12.41 -6.92
C SER B 11 -11.84 -11.26 -7.78
N ARG B 12 -10.88 -11.56 -8.65
CA ARG B 12 -10.28 -10.55 -9.52
C ARG B 12 -11.31 -10.02 -10.52
N HIS B 13 -12.13 -10.92 -11.06
CA HIS B 13 -13.21 -10.57 -11.97
C HIS B 13 -14.54 -11.06 -11.38
N PRO B 14 -15.66 -10.46 -11.80
CA PRO B 14 -16.96 -10.97 -11.37
C PRO B 14 -17.03 -12.48 -11.61
N ALA B 15 -17.46 -13.22 -10.61
CA ALA B 15 -17.46 -14.68 -10.70
C ALA B 15 -18.46 -15.16 -11.74
N GLU B 16 -18.02 -16.12 -12.54
CA GLU B 16 -18.91 -16.81 -13.47
C GLU B 16 -18.60 -18.29 -13.34
N ASN B 17 -19.60 -19.06 -12.93
CA ASN B 17 -19.38 -20.48 -12.66
C ASN B 17 -18.76 -21.16 -13.86
N GLY B 18 -17.67 -21.89 -13.63
CA GLY B 18 -17.00 -22.63 -14.69
C GLY B 18 -15.96 -21.83 -15.46
N LYS B 19 -15.80 -20.55 -15.12
CA LYS B 19 -14.79 -19.72 -15.78
C LYS B 19 -13.62 -19.42 -14.85
N SER B 20 -12.41 -19.64 -15.35
CA SER B 20 -11.20 -19.40 -14.57
C SER B 20 -11.13 -17.96 -14.07
N ASN B 21 -10.57 -17.79 -12.88
CA ASN B 21 -10.55 -16.50 -12.19
C ASN B 21 -9.41 -16.52 -11.18
N PHE B 22 -9.33 -15.48 -10.35
CA PHE B 22 -8.39 -15.46 -9.24
C PHE B 22 -9.14 -15.14 -7.97
N LEU B 23 -8.83 -15.88 -6.91
CA LEU B 23 -9.39 -15.61 -5.59
C LEU B 23 -8.34 -14.84 -4.81
N ASN B 24 -8.74 -13.69 -4.26
CA ASN B 24 -7.84 -12.80 -3.56
C ASN B 24 -8.17 -12.69 -2.09
N CYS B 25 -7.13 -12.59 -1.26
CA CYS B 25 -7.29 -12.14 0.11
C CYS B 25 -6.33 -10.99 0.35
N TYR B 26 -6.90 -9.81 0.54
CA TYR B 26 -6.14 -8.57 0.73
C TYR B 26 -6.08 -8.27 2.22
N VAL B 27 -4.88 -8.21 2.78
CA VAL B 27 -4.71 -7.88 4.19
C VAL B 27 -3.97 -6.55 4.27
N SER B 28 -4.46 -5.63 5.09
CA SER B 28 -3.83 -4.31 5.13
C SER B 28 -3.99 -3.66 6.49
N GLY B 29 -3.24 -2.59 6.71
CA GLY B 29 -3.37 -1.81 7.94
C GLY B 29 -2.88 -2.49 9.20
N PHE B 30 -1.99 -3.47 9.05
CA PHE B 30 -1.50 -4.20 10.20
C PHE B 30 -0.06 -3.86 10.58
N HIS B 31 0.28 -4.12 11.83
CA HIS B 31 1.63 -3.93 12.35
C HIS B 31 1.72 -4.78 13.62
N PRO B 32 2.79 -5.58 13.77
CA PRO B 32 3.98 -5.68 12.92
C PRO B 32 3.75 -6.49 11.65
N SER B 33 4.83 -6.71 10.89
CA SER B 33 4.70 -7.22 9.54
C SER B 33 4.45 -8.72 9.41
N ASP B 34 4.74 -9.50 10.46
CA ASP B 34 4.52 -10.94 10.36
C ASP B 34 3.04 -11.23 10.32
N ILE B 35 2.62 -11.99 9.32
CA ILE B 35 1.20 -12.35 9.20
C ILE B 35 1.09 -13.71 8.51
N GLU B 36 0.05 -14.47 8.88
CA GLU B 36 -0.18 -15.76 8.26
C GLU B 36 -1.51 -15.70 7.53
N VAL B 37 -1.50 -16.07 6.25
CA VAL B 37 -2.71 -15.99 5.45
C VAL B 37 -2.88 -17.26 4.62
N ASP B 38 -4.02 -17.91 4.80
CA ASP B 38 -4.36 -19.10 4.02
C ASP B 38 -5.66 -18.86 3.26
N LEU B 39 -5.74 -19.42 2.07
CA LEU B 39 -7.00 -19.47 1.35
C LEU B 39 -7.58 -20.85 1.55
N LEU B 40 -8.88 -20.94 1.78
CA LEU B 40 -9.54 -22.22 2.05
C LEU B 40 -10.57 -22.56 0.99
N LYS B 41 -10.60 -23.84 0.59
CA LYS B 41 -11.66 -24.35 -0.27
C LYS B 41 -12.40 -25.42 0.50
N ASN B 42 -13.69 -25.18 0.73
CA ASN B 42 -14.51 -26.07 1.56
C ASN B 42 -13.83 -26.44 2.86
N GLY B 43 -13.22 -25.43 3.50
CA GLY B 43 -12.62 -25.59 4.81
C GLY B 43 -11.17 -26.02 4.80
N GLU B 44 -10.67 -26.45 3.65
CA GLU B 44 -9.32 -27.00 3.55
C GLU B 44 -8.34 -26.02 2.89
N ARG B 45 -7.13 -25.99 3.42
CA ARG B 45 -6.11 -25.10 2.92
C ARG B 45 -5.74 -25.37 1.46
N ILE B 46 -5.75 -24.32 0.65
CA ILE B 46 -5.31 -24.40 -0.74
C ILE B 46 -3.78 -24.32 -0.79
N GLU B 47 -3.16 -25.24 -1.51
CA GLU B 47 -1.70 -25.31 -1.49
C GLU B 47 -1.01 -24.29 -2.39
N LYS B 48 -1.55 -24.07 -3.58
CA LYS B 48 -0.89 -23.16 -4.50
C LYS B 48 -1.39 -21.73 -4.29
N VAL B 49 -0.82 -21.06 -3.29
CA VAL B 49 -1.19 -19.67 -3.03
C VAL B 49 0.04 -18.78 -3.06
N GLU B 50 -0.05 -17.70 -3.82
CA GLU B 50 1.08 -16.79 -3.96
C GLU B 50 0.73 -15.48 -3.27
N HIS B 51 1.70 -14.61 -3.09
CA HIS B 51 1.40 -13.29 -2.55
C HIS B 51 2.27 -12.22 -3.19
N SER B 52 1.75 -11.00 -3.19
CA SER B 52 2.54 -9.85 -3.61
C SER B 52 3.65 -9.57 -2.62
N ASP B 53 4.62 -8.76 -3.05
CA ASP B 53 5.70 -8.38 -2.16
C ASP B 53 5.23 -7.37 -1.12
N LEU B 54 5.81 -7.46 0.07
CA LEU B 54 5.40 -6.64 1.21
C LEU B 54 5.58 -5.15 0.94
N SER B 55 4.57 -4.36 1.32
CA SER B 55 4.67 -2.91 1.23
C SER B 55 4.12 -2.31 2.52
N PHE B 56 4.37 -1.02 2.72
CA PHE B 56 3.71 -0.30 3.81
C PHE B 56 3.22 1.07 3.41
N SER B 57 2.27 1.56 4.18
CA SER B 57 1.55 2.81 3.88
C SER B 57 2.12 3.97 4.67
N LYS B 58 1.64 5.18 4.37
CA LYS B 58 2.14 6.38 5.02
C LYS B 58 1.93 6.39 6.54
N ASP B 59 1.02 5.53 7.01
CA ASP B 59 0.76 5.42 8.43
C ASP B 59 1.58 4.30 9.10
N TRP B 60 2.48 3.77 8.32
CA TRP B 60 3.46 2.77 8.69
C TRP B 60 2.86 1.36 8.84
N SER B 61 1.62 1.21 8.40
CA SER B 61 1.03 -0.11 8.42
C SER B 61 1.30 -0.88 7.14
N PHE B 62 1.33 -2.20 7.27
CA PHE B 62 1.69 -3.06 6.15
C PHE B 62 0.49 -3.54 5.35
N TYR B 63 0.73 -3.94 4.11
CA TYR B 63 -0.33 -4.54 3.30
C TYR B 63 0.28 -5.46 2.26
N LEU B 64 -0.47 -6.50 1.90
CA LEU B 64 -0.15 -7.29 0.72
C LEU B 64 -1.35 -8.14 0.31
N LEU B 65 -1.21 -8.80 -0.83
CA LEU B 65 -2.31 -9.51 -1.46
C LEU B 65 -1.93 -10.97 -1.63
N TYR B 66 -2.76 -11.86 -1.10
CA TYR B 66 -2.60 -13.30 -1.33
C TYR B 66 -3.59 -13.72 -2.40
N TYR B 67 -3.19 -14.64 -3.28
CA TYR B 67 -4.05 -14.97 -4.39
C TYR B 67 -3.77 -16.34 -4.97
N THR B 68 -4.80 -16.91 -5.57
CA THR B 68 -4.67 -18.20 -6.26
C THR B 68 -5.64 -18.27 -7.42
N GLU B 69 -5.22 -18.93 -8.50
CA GLU B 69 -6.12 -19.13 -9.61
C GLU B 69 -7.18 -20.12 -9.18
N PHE B 70 -8.44 -19.85 -9.54
CA PHE B 70 -9.52 -20.79 -9.24
C PHE B 70 -10.64 -20.69 -10.25
N THR B 71 -11.48 -21.73 -10.29
CA THR B 71 -12.66 -21.72 -11.12
C THR B 71 -13.88 -21.88 -10.23
N PRO B 72 -14.57 -20.77 -9.95
CA PRO B 72 -15.73 -20.85 -9.06
C PRO B 72 -16.83 -21.78 -9.59
N THR B 73 -17.58 -22.38 -8.68
CA THR B 73 -18.72 -23.21 -9.03
C THR B 73 -19.90 -22.77 -8.17
N GLU B 74 -21.06 -23.37 -8.41
CA GLU B 74 -22.23 -23.02 -7.63
C GLU B 74 -22.05 -23.33 -6.15
N LYS B 75 -21.45 -24.48 -5.84
CA LYS B 75 -21.50 -25.03 -4.49
C LYS B 75 -20.19 -25.03 -3.69
N ASP B 76 -19.06 -24.74 -4.34
CA ASP B 76 -17.80 -24.68 -3.61
C ASP B 76 -17.75 -23.41 -2.77
N GLU B 77 -17.30 -23.55 -1.53
CA GLU B 77 -17.20 -22.40 -0.63
C GLU B 77 -15.74 -22.06 -0.43
N TYR B 78 -15.46 -20.75 -0.41
CA TYR B 78 -14.09 -20.29 -0.23
C TYR B 78 -14.02 -19.30 0.92
N ALA B 79 -12.84 -19.19 1.52
CA ALA B 79 -12.63 -18.28 2.63
C ALA B 79 -11.15 -17.94 2.77
N CYS B 80 -10.86 -16.92 3.57
CA CYS B 80 -9.48 -16.57 3.87
C CYS B 80 -9.31 -16.70 5.37
N ARG B 81 -8.19 -17.29 5.80
CA ARG B 81 -7.91 -17.41 7.21
C ARG B 81 -6.65 -16.63 7.54
N VAL B 82 -6.77 -15.69 8.47
CA VAL B 82 -5.67 -14.79 8.80
C VAL B 82 -5.29 -14.92 10.26
N ASN B 83 -4.00 -15.03 10.54
CA ASN B 83 -3.54 -14.96 11.93
C ASN B 83 -2.48 -13.90 12.05
N HIS B 84 -2.47 -13.23 13.19
CA HIS B 84 -1.59 -12.10 13.43
C HIS B 84 -1.51 -11.94 14.94
N VAL B 85 -0.43 -11.36 15.44
CA VAL B 85 -0.24 -11.27 16.89
C VAL B 85 -1.38 -10.51 17.58
N THR B 86 -2.03 -9.60 16.86
CA THR B 86 -3.13 -8.82 17.43
C THR B 86 -4.43 -9.59 17.57
N LEU B 87 -4.49 -10.78 16.99
CA LEU B 87 -5.73 -11.55 16.97
C LEU B 87 -5.76 -12.61 18.06
N SER B 88 -6.85 -12.64 18.83
CA SER B 88 -7.01 -13.65 19.87
CA SER B 88 -7.02 -13.64 19.88
C SER B 88 -7.30 -15.03 19.28
N GLN B 89 -7.95 -15.04 18.12
CA GLN B 89 -8.20 -16.28 17.37
C GLN B 89 -7.97 -15.95 15.90
N PRO B 90 -7.57 -16.96 15.12
CA PRO B 90 -7.47 -16.70 13.67
C PRO B 90 -8.81 -16.20 13.16
N LYS B 91 -8.74 -15.25 12.23
CA LYS B 91 -9.96 -14.66 11.70
C LYS B 91 -10.28 -15.31 10.36
N ILE B 92 -11.52 -15.78 10.21
CA ILE B 92 -11.93 -16.39 8.95
C ILE B 92 -12.99 -15.53 8.28
N VAL B 93 -12.69 -15.11 7.05
CA VAL B 93 -13.65 -14.31 6.28
C VAL B 93 -14.08 -15.11 5.07
N LYS B 94 -15.39 -15.33 4.93
CA LYS B 94 -15.92 -16.13 3.83
C LYS B 94 -16.04 -15.30 2.56
N TRP B 95 -15.77 -15.94 1.43
CA TRP B 95 -15.98 -15.30 0.13
C TRP B 95 -17.46 -15.25 -0.23
N ASP B 96 -17.91 -14.05 -0.58
CA ASP B 96 -19.25 -13.83 -1.15
C ASP B 96 -19.00 -13.23 -2.52
N ARG B 97 -19.50 -13.88 -3.57
CA ARG B 97 -19.15 -13.49 -4.91
C ARG B 97 -19.64 -12.10 -5.32
N ASP B 98 -20.55 -11.51 -4.57
CA ASP B 98 -20.95 -10.13 -4.86
CA ASP B 98 -20.95 -10.13 -4.86
C ASP B 98 -20.60 -9.16 -3.75
N MET B 99 -19.47 -9.43 -3.08
CA MET B 99 -18.91 -8.47 -2.14
C MET B 99 -17.41 -8.39 -2.33
N ALA C 1 17.23 7.70 -6.94
CA ALA C 1 18.44 7.25 -6.25
C ALA C 1 18.25 7.39 -4.75
N VAL C 2 18.52 6.32 -4.02
CA VAL C 2 18.29 6.29 -2.57
C VAL C 2 19.35 7.08 -1.78
N TYR C 3 18.94 7.57 -0.61
CA TYR C 3 19.86 8.26 0.28
C TYR C 3 20.75 7.25 0.99
N ASN C 4 21.92 7.70 1.41
CA ASN C 4 22.75 6.93 2.34
C ASN C 4 22.39 7.37 3.75
N PHE C 5 21.62 6.54 4.45
CA PHE C 5 21.07 6.91 5.76
C PHE C 5 22.13 7.00 6.86
N ALA C 6 21.85 7.89 7.82
CA ALA C 6 22.76 8.18 8.93
C ALA C 6 22.56 7.28 10.13
N THR C 7 23.66 7.03 10.82
CA THR C 7 23.64 6.26 12.07
C THR C 7 22.71 6.91 13.07
N MET C 8 21.86 6.09 13.70
CA MET C 8 20.90 6.57 14.68
C MET C 8 21.44 6.60 16.10
C ACT D . 23.55 10.61 -2.41
O ACT D . 22.69 9.71 -2.27
OXT ACT D . 23.16 11.69 -2.88
CH3 ACT D . 24.99 10.40 -2.03
C ACT E . -3.10 1.45 0.57
O ACT E . -1.93 1.44 0.12
OXT ACT E . -3.41 0.46 1.28
CH3 ACT E . -4.03 2.58 0.29
C ACT F . -20.84 -18.05 -3.62
O ACT F . -21.73 -18.35 -4.45
OXT ACT F . -20.12 -19.00 -3.22
CH3 ACT F . -20.65 -16.64 -3.15
#